data_4KEH
#
_entry.id   4KEH
#
_cell.length_a   84.405
_cell.length_b   122.178
_cell.length_c   122.615
_cell.angle_alpha   90.00
_cell.angle_beta   90.00
_cell.angle_gamma   90.00
#
_symmetry.space_group_name_H-M   'C 2 2 21'
#
loop_
_entity.id
_entity.type
_entity.pdbx_description
1 polymer N-{3-[DIHYDROXY(NONYL)-LAMBDA~4~-SULFANYL]PROPYL}-N~3~-[(2R)-2-HYDROXY-3,3-DIMETHYL-4-(PHOSPHONOOXY)BUTANOYL]-BETA-ALANINAMIDE
2 polymer 'Acyl carrier protein'
3 non-polymer N-{3-[dihydroxy(nonyl)-lambda~4~-sulfanyl]propyl}-N~3~-[(2R)-2-hydroxy-3,3-dimethyl-4-(phosphonooxy)butanoyl]-beta-alaninamide
4 water water
#
loop_
_entity_poly.entity_id
_entity_poly.type
_entity_poly.pdbx_seq_one_letter_code
_entity_poly.pdbx_strand_id
1 'polypeptide(L)'
;VDKRESYTKEDLLASGRGELFGAKGPQLPAPNMLMMDRVVKMTETGGNFDKGYVEAELDINPDLWFFGCHFIGDPVMPGC
LGLDAMWQLVGFYLGWLGGEGKGRALGVGEVKFTGQVLPTAKKVTYRIHFKRIVNRRLIMGLADGEVLVDGRLIYTASDL
KVGLFQDTSAF
;
A,B
2 'polypeptide(L)' STIEERVKKIIGEQLGVKQEEVTNNASFVEDLGADSLDTVELVMALEEEFDTEIPDEEAEKITTVQAAIDYINGHQA C,D
#
# COMPACT_ATOMS: atom_id res chain seq x y z
N VAL A 1 -4.99 -30.38 0.26
CA VAL A 1 -4.66 -30.06 -1.17
C VAL A 1 -3.30 -30.64 -1.58
N ASP A 2 -3.32 -31.34 -2.70
CA ASP A 2 -2.12 -31.92 -3.31
C ASP A 2 -1.31 -30.79 -3.93
N LYS A 3 -0.25 -30.37 -3.23
CA LYS A 3 0.61 -29.30 -3.73
C LYS A 3 1.31 -29.64 -5.06
N ARG A 4 1.23 -28.72 -6.02
CA ARG A 4 2.04 -28.78 -7.25
C ARG A 4 2.92 -27.54 -7.17
N GLU A 5 3.96 -27.44 -7.97
CA GLU A 5 4.87 -26.30 -7.79
C GLU A 5 4.64 -25.18 -8.80
N SER A 6 3.73 -25.40 -9.73
CA SER A 6 3.35 -24.38 -10.69
C SER A 6 1.93 -24.61 -11.17
N TYR A 7 1.30 -23.55 -11.67
CA TYR A 7 -0.11 -23.58 -12.07
C TYR A 7 -0.32 -22.79 -13.37
N THR A 8 -1.19 -23.31 -14.21
CA THR A 8 -1.48 -22.70 -15.50
C THR A 8 -2.63 -21.68 -15.36
N LYS A 9 -2.92 -20.95 -16.42
CA LYS A 9 -4.06 -20.02 -16.37
C LYS A 9 -5.35 -20.78 -16.08
N GLU A 10 -5.53 -21.94 -16.70
CA GLU A 10 -6.73 -22.72 -16.43
C GLU A 10 -6.89 -23.11 -14.96
N ASP A 11 -5.79 -23.47 -14.29
CA ASP A 11 -5.78 -23.71 -12.85
C ASP A 11 -6.23 -22.45 -12.11
N LEU A 12 -5.73 -21.29 -12.56
CA LEU A 12 -6.12 -20.05 -11.86
C LEU A 12 -7.59 -19.70 -12.10
N LEU A 13 -8.10 -19.95 -13.28
CA LEU A 13 -9.52 -19.77 -13.52
C LEU A 13 -10.36 -20.75 -12.70
N ALA A 14 -9.90 -22.01 -12.61
CA ALA A 14 -10.53 -22.97 -11.69
C ALA A 14 -10.55 -22.44 -10.23
N SER A 15 -9.46 -21.81 -9.80
CA SER A 15 -9.37 -21.23 -8.46
C SER A 15 -10.48 -20.20 -8.23
N GLY A 16 -10.71 -19.37 -9.24
CA GLY A 16 -11.78 -18.37 -9.18
C GLY A 16 -13.17 -18.98 -9.04
N ARG A 17 -13.35 -20.19 -9.55
CA ARG A 17 -14.62 -20.91 -9.41
C ARG A 17 -14.69 -21.73 -8.13
N GLY A 18 -13.67 -21.73 -7.32
CA GLY A 18 -13.69 -22.55 -6.12
C GLY A 18 -13.36 -24.00 -6.38
N GLU A 19 -12.76 -24.30 -7.54
CA GLU A 19 -12.55 -25.70 -7.96
C GLU A 19 -11.08 -26.16 -8.04
N LEU A 20 -10.17 -25.42 -7.41
CA LEU A 20 -8.76 -25.82 -7.38
C LEU A 20 -8.33 -26.41 -6.02
N PHE A 21 -8.59 -25.72 -4.92
CA PHE A 21 -8.24 -26.20 -3.58
C PHE A 21 -9.46 -26.72 -2.80
N GLY A 22 -10.50 -27.21 -3.48
CA GLY A 22 -11.72 -27.58 -2.77
C GLY A 22 -12.55 -26.39 -2.34
N ALA A 23 -13.84 -26.60 -2.09
CA ALA A 23 -14.76 -25.51 -1.78
C ALA A 23 -14.39 -24.67 -0.56
N LYS A 24 -13.77 -25.28 0.44
CA LYS A 24 -13.45 -24.52 1.64
C LYS A 24 -12.17 -23.70 1.54
N GLY A 25 -11.36 -23.96 0.50
CA GLY A 25 -10.15 -23.18 0.28
C GLY A 25 -10.48 -21.81 -0.31
N PRO A 26 -9.53 -20.88 -0.24
CA PRO A 26 -9.78 -19.56 -0.83
C PRO A 26 -9.84 -19.62 -2.34
N GLN A 27 -10.53 -18.64 -2.90
CA GLN A 27 -10.63 -18.40 -4.33
C GLN A 27 -9.78 -17.19 -4.73
N LEU A 28 -9.17 -17.27 -5.90
CA LEU A 28 -8.67 -16.07 -6.56
C LEU A 28 -9.87 -15.30 -7.11
N PRO A 29 -9.69 -13.98 -7.34
CA PRO A 29 -10.65 -13.26 -8.16
C PRO A 29 -10.68 -13.86 -9.57
N ALA A 30 -11.80 -13.71 -10.24
CA ALA A 30 -11.89 -13.97 -11.67
C ALA A 30 -11.51 -12.72 -12.45
N PRO A 31 -11.26 -12.85 -13.75
CA PRO A 31 -11.10 -11.63 -14.56
C PRO A 31 -12.35 -10.77 -14.43
N ASN A 32 -12.25 -9.45 -14.45
CA ASN A 32 -11.03 -8.69 -14.74
C ASN A 32 -10.11 -8.33 -13.57
N MET A 33 -10.40 -8.80 -12.36
CA MET A 33 -9.52 -8.52 -11.22
C MET A 33 -8.34 -9.50 -11.08
N LEU A 34 -8.43 -10.68 -11.68
CA LEU A 34 -7.30 -11.61 -11.68
C LEU A 34 -6.07 -10.94 -12.35
N MET A 35 -4.95 -10.88 -11.67
CA MET A 35 -3.80 -10.12 -12.19
C MET A 35 -2.55 -11.00 -12.48
N MET A 36 -2.79 -12.29 -12.71
CA MET A 36 -1.73 -13.20 -13.12
C MET A 36 -2.27 -14.16 -14.15
N ASP A 37 -1.37 -14.59 -15.02
CA ASP A 37 -1.67 -15.63 -16.01
C ASP A 37 -1.20 -16.99 -15.58
N ARG A 38 -0.20 -17.04 -14.69
CA ARG A 38 0.37 -18.30 -14.25
C ARG A 38 1.15 -18.14 -12.98
N VAL A 39 1.28 -19.22 -12.24
CA VAL A 39 2.20 -19.28 -11.10
C VAL A 39 3.34 -20.21 -11.54
N VAL A 40 4.56 -19.69 -11.55
CA VAL A 40 5.68 -20.47 -12.13
C VAL A 40 6.51 -21.16 -11.08
N LYS A 41 6.47 -20.68 -9.83
CA LYS A 41 7.22 -21.34 -8.77
C LYS A 41 6.56 -21.14 -7.42
N MET A 42 6.49 -22.21 -6.65
CA MET A 42 5.94 -22.17 -5.30
C MET A 42 6.72 -23.12 -4.43
N THR A 43 7.36 -22.61 -3.38
CA THR A 43 8.09 -23.49 -2.47
C THR A 43 7.83 -23.13 -1.01
N GLU A 44 7.86 -24.16 -0.16
CA GLU A 44 7.61 -24.00 1.28
C GLU A 44 8.77 -23.32 1.98
N THR A 45 9.98 -23.52 1.46
CA THR A 45 11.15 -22.84 1.98
C THR A 45 11.65 -21.93 0.86
N GLY A 46 12.86 -21.43 0.99
CA GLY A 46 13.36 -20.48 0.02
C GLY A 46 12.76 -19.10 0.19
N GLY A 47 13.12 -18.21 -0.73
CA GLY A 47 12.84 -16.80 -0.61
C GLY A 47 13.82 -16.16 0.35
N ASN A 48 13.79 -14.83 0.42
CA ASN A 48 14.74 -14.05 1.21
C ASN A 48 14.82 -14.39 2.70
N PHE A 49 13.78 -15.03 3.24
CA PHE A 49 13.76 -15.38 4.67
C PHE A 49 13.75 -16.87 4.88
N ASP A 50 13.89 -17.61 3.78
CA ASP A 50 13.85 -19.07 3.77
C ASP A 50 12.57 -19.60 4.39
N LYS A 51 11.49 -18.81 4.31
CA LYS A 51 10.21 -19.25 4.85
C LYS A 51 9.12 -19.34 3.79
N GLY A 52 9.53 -19.33 2.53
CA GLY A 52 8.59 -19.53 1.43
C GLY A 52 8.76 -18.54 0.31
N TYR A 53 8.43 -18.98 -0.89
CA TYR A 53 8.61 -18.19 -2.09
C TYR A 53 7.52 -18.52 -3.10
N VAL A 54 7.03 -17.49 -3.77
CA VAL A 54 6.13 -17.70 -4.89
C VAL A 54 6.58 -16.76 -5.99
N GLU A 55 6.52 -17.24 -7.23
CA GLU A 55 6.76 -16.38 -8.37
C GLU A 55 5.67 -16.59 -9.39
N ALA A 56 5.18 -15.48 -9.95
CA ALA A 56 4.08 -15.51 -10.90
C ALA A 56 4.32 -14.54 -12.03
N GLU A 57 3.55 -14.66 -13.09
CA GLU A 57 3.70 -13.84 -14.27
C GLU A 57 2.40 -13.39 -14.85
N LEU A 58 2.44 -12.25 -15.54
CA LEU A 58 1.32 -11.72 -16.31
C LEU A 58 1.85 -11.26 -17.62
N ASP A 59 1.29 -11.78 -18.71
CA ASP A 59 1.64 -11.36 -20.05
C ASP A 59 1.01 -10.00 -20.35
N ILE A 60 1.78 -9.15 -21.01
CA ILE A 60 1.34 -7.79 -21.28
C ILE A 60 0.96 -7.68 -22.75
N ASN A 61 -0.21 -7.11 -22.97
CA ASN A 61 -0.77 -7.00 -24.29
C ASN A 61 -1.49 -5.66 -24.29
N PRO A 62 -1.35 -4.88 -25.37
CA PRO A 62 -2.05 -3.60 -25.41
C PRO A 62 -3.55 -3.71 -25.34
N ASP A 63 -4.14 -4.90 -25.52
CA ASP A 63 -5.60 -5.02 -25.41
C ASP A 63 -6.11 -5.28 -23.97
N LEU A 64 -5.23 -5.34 -22.98
CA LEU A 64 -5.68 -5.51 -21.61
C LEU A 64 -6.56 -4.31 -21.24
N TRP A 65 -7.67 -4.60 -20.58
CA TRP A 65 -8.69 -3.59 -20.33
C TRP A 65 -8.18 -2.29 -19.68
N PHE A 66 -7.31 -2.42 -18.70
CA PHE A 66 -6.86 -1.26 -17.92
C PHE A 66 -6.03 -0.24 -18.72
N PHE A 67 -5.40 -0.65 -19.83
CA PHE A 67 -4.64 0.31 -20.63
C PHE A 67 -5.56 1.33 -21.30
N GLY A 68 -6.77 0.92 -21.61
CA GLY A 68 -7.70 1.76 -22.32
C GLY A 68 -8.27 2.89 -21.47
N CYS A 69 -8.29 2.69 -20.16
CA CYS A 69 -8.92 3.68 -19.27
C CYS A 69 -7.97 4.35 -18.29
N HIS A 70 -6.77 3.81 -18.15
CA HIS A 70 -5.83 4.41 -17.22
C HIS A 70 -4.47 4.59 -17.87
N PHE A 71 -4.29 5.69 -18.59
CA PHE A 71 -5.29 6.74 -18.84
C PHE A 71 -5.59 6.80 -20.33
N ILE A 72 -6.73 7.38 -20.68
CA ILE A 72 -7.03 7.70 -22.07
C ILE A 72 -5.88 8.52 -22.69
N GLY A 73 -5.30 7.98 -23.76
CA GLY A 73 -4.15 8.58 -24.42
C GLY A 73 -2.80 8.44 -23.72
N ASP A 74 -2.75 7.74 -22.59
CA ASP A 74 -1.55 7.63 -21.77
C ASP A 74 -1.60 6.29 -21.00
N PRO A 75 -1.52 5.17 -21.75
CA PRO A 75 -1.70 3.87 -21.12
C PRO A 75 -0.57 3.47 -20.17
N VAL A 76 -0.97 3.00 -19.00
CA VAL A 76 0.00 2.51 -18.04
C VAL A 76 -0.72 1.47 -17.17
N MET A 77 -0.03 0.46 -16.68
CA MET A 77 -0.70 -0.48 -15.77
C MET A 77 -0.89 0.19 -14.40
N PRO A 78 -2.13 0.19 -13.88
CA PRO A 78 -2.37 0.78 -12.56
C PRO A 78 -1.50 0.11 -11.50
N GLY A 79 -0.82 0.91 -10.70
CA GLY A 79 -0.04 0.34 -9.62
C GLY A 79 -0.87 -0.46 -8.63
N CYS A 80 -2.11 -0.01 -8.36
CA CYS A 80 -2.97 -0.74 -7.43
C CYS A 80 -3.23 -2.21 -7.90
N LEU A 81 -3.29 -2.44 -9.21
CA LEU A 81 -3.49 -3.81 -9.67
C LEU A 81 -2.23 -4.71 -9.51
N GLY A 82 -1.05 -4.10 -9.58
CA GLY A 82 0.16 -4.84 -9.29
C GLY A 82 0.20 -5.20 -7.83
N LEU A 83 -0.24 -4.29 -7.00
CA LEU A 83 -0.30 -4.55 -5.59
C LEU A 83 -1.35 -5.63 -5.31
N ASP A 84 -2.48 -5.57 -5.97
CA ASP A 84 -3.45 -6.64 -5.81
C ASP A 84 -2.94 -8.01 -6.20
N ALA A 85 -2.12 -8.08 -7.27
CA ALA A 85 -1.53 -9.34 -7.64
C ALA A 85 -0.76 -9.91 -6.48
N MET A 86 0.00 -9.06 -5.82
CA MET A 86 0.81 -9.52 -4.69
C MET A 86 -0.09 -10.03 -3.54
N TRP A 87 -1.16 -9.31 -3.23
CA TRP A 87 -2.13 -9.81 -2.24
C TRP A 87 -2.78 -11.11 -2.69
N GLN A 88 -3.16 -11.18 -3.96
CA GLN A 88 -3.71 -12.41 -4.51
C GLN A 88 -2.74 -13.59 -4.30
N LEU A 89 -1.46 -13.35 -4.51
CA LEU A 89 -0.49 -14.45 -4.47
C LEU A 89 -0.23 -14.89 -3.03
N VAL A 90 -0.24 -13.96 -2.09
CA VAL A 90 -0.12 -14.33 -0.69
C VAL A 90 -1.32 -15.22 -0.29
N GLY A 91 -2.54 -14.81 -0.66
CA GLY A 91 -3.73 -15.59 -0.32
C GLY A 91 -3.74 -16.96 -0.96
N PHE A 92 -3.30 -16.99 -2.22
CA PHE A 92 -3.21 -18.23 -2.97
C PHE A 92 -2.25 -19.20 -2.25
N TYR A 93 -1.13 -18.65 -1.77
CA TYR A 93 -0.13 -19.46 -1.09
C TYR A 93 -0.71 -20.05 0.21
N LEU A 94 -1.46 -19.24 0.94
CA LEU A 94 -2.11 -19.75 2.15
C LEU A 94 -3.03 -20.92 1.83
N GLY A 95 -3.74 -20.83 0.70
CA GLY A 95 -4.57 -21.91 0.24
C GLY A 95 -3.78 -23.14 -0.16
N TRP A 96 -2.65 -22.92 -0.80
CA TRP A 96 -1.80 -23.99 -1.32
C TRP A 96 -1.26 -24.83 -0.16
N LEU A 97 -1.00 -24.17 0.97
CA LEU A 97 -0.53 -24.83 2.18
C LEU A 97 -1.63 -25.62 2.88
N GLY A 98 -2.86 -25.40 2.44
CA GLY A 98 -4.01 -26.11 2.98
C GLY A 98 -4.95 -25.26 3.83
N GLY A 99 -4.67 -23.96 3.97
CA GLY A 99 -5.53 -23.06 4.71
C GLY A 99 -6.94 -23.00 4.11
N GLU A 100 -7.96 -23.01 4.96
CA GLU A 100 -9.33 -22.87 4.52
C GLU A 100 -9.92 -21.56 4.98
N GLY A 101 -10.77 -20.97 4.15
CA GLY A 101 -11.43 -19.72 4.46
C GLY A 101 -11.49 -18.83 3.23
N LYS A 102 -12.16 -17.68 3.38
CA LYS A 102 -12.25 -16.66 2.34
C LYS A 102 -11.00 -15.76 2.43
N GLY A 103 -10.43 -15.40 1.29
CA GLY A 103 -9.23 -14.58 1.27
C GLY A 103 -9.60 -13.13 1.45
N ARG A 104 -8.85 -12.44 2.31
CA ARG A 104 -8.97 -10.99 2.47
C ARG A 104 -7.61 -10.31 2.67
N ALA A 105 -7.31 -9.31 1.86
CA ALA A 105 -6.17 -8.46 2.09
C ALA A 105 -6.38 -7.68 3.38
N LEU A 106 -5.32 -7.58 4.18
CA LEU A 106 -5.40 -6.88 5.49
C LEU A 106 -4.57 -5.60 5.52
N GLY A 107 -3.59 -5.53 4.64
CA GLY A 107 -2.81 -4.33 4.56
C GLY A 107 -1.44 -4.52 3.97
N VAL A 108 -0.68 -3.43 4.04
CA VAL A 108 0.70 -3.45 3.57
C VAL A 108 1.50 -2.37 4.29
N GLY A 109 2.81 -2.60 4.44
CA GLY A 109 3.73 -1.58 4.92
C GLY A 109 4.11 -0.78 3.69
N GLU A 110 5.34 -0.38 3.59
CA GLU A 110 5.70 0.57 2.56
C GLU A 110 5.59 -0.06 1.15
N VAL A 111 4.96 0.67 0.25
CA VAL A 111 4.97 0.38 -1.17
C VAL A 111 5.67 1.52 -1.90
N LYS A 112 6.55 1.15 -2.82
CA LYS A 112 7.26 2.07 -3.68
C LYS A 112 7.13 1.67 -5.14
N PHE A 113 6.63 2.60 -5.95
CA PHE A 113 6.56 2.42 -7.38
C PHE A 113 7.65 3.28 -8.01
N THR A 114 8.64 2.68 -8.65
CA THR A 114 9.75 3.46 -9.22
C THR A 114 9.84 3.40 -10.75
N GLY A 115 9.07 2.50 -11.39
CA GLY A 115 9.02 2.43 -12.84
C GLY A 115 7.65 1.98 -13.27
N GLN A 116 7.39 1.97 -14.56
CA GLN A 116 6.04 1.68 -15.03
C GLN A 116 5.99 0.48 -15.97
N VAL A 117 4.80 -0.06 -16.12
CA VAL A 117 4.47 -1.05 -17.14
C VAL A 117 3.69 -0.43 -18.28
N LEU A 118 4.34 -0.36 -19.44
CA LEU A 118 3.70 0.10 -20.66
C LEU A 118 3.21 -1.06 -21.51
N PRO A 119 2.27 -0.78 -22.42
CA PRO A 119 1.67 -1.87 -23.18
C PRO A 119 2.66 -2.56 -24.11
N THR A 120 3.81 -1.93 -24.34
CA THR A 120 4.85 -2.53 -25.18
C THR A 120 5.69 -3.57 -24.43
N ALA A 121 5.57 -3.63 -23.11
CA ALA A 121 6.25 -4.64 -22.31
C ALA A 121 5.82 -6.05 -22.71
N LYS A 122 6.64 -7.04 -22.36
CA LYS A 122 6.34 -8.44 -22.64
C LYS A 122 5.63 -9.11 -21.47
N LYS A 123 6.18 -8.93 -20.30
CA LYS A 123 5.82 -9.73 -19.16
C LYS A 123 6.14 -9.05 -17.83
N VAL A 124 5.18 -9.08 -16.93
CA VAL A 124 5.37 -8.68 -15.58
C VAL A 124 5.59 -9.92 -14.73
N THR A 125 6.55 -9.84 -13.82
CA THR A 125 6.84 -10.90 -12.87
C THR A 125 6.64 -10.45 -11.44
N TYR A 126 5.96 -11.28 -10.67
CA TYR A 126 5.75 -11.01 -9.26
C TYR A 126 6.56 -11.97 -8.44
N ARG A 127 7.32 -11.45 -7.47
CA ARG A 127 7.99 -12.30 -6.48
C ARG A 127 7.55 -12.01 -5.07
N ILE A 128 7.23 -13.08 -4.35
CA ILE A 128 6.76 -12.98 -2.99
C ILE A 128 7.69 -13.75 -2.08
N HIS A 129 8.16 -13.07 -1.03
CA HIS A 129 9.05 -13.68 -0.03
C HIS A 129 8.35 -13.74 1.30
N PHE A 130 7.96 -14.93 1.72
CA PHE A 130 7.24 -15.07 2.98
C PHE A 130 8.10 -14.91 4.22
N LYS A 131 7.55 -14.22 5.23
CA LYS A 131 8.27 -13.96 6.47
C LYS A 131 7.65 -14.74 7.60
N ARG A 132 6.34 -14.89 7.54
CA ARG A 132 5.64 -15.56 8.61
C ARG A 132 4.26 -16.02 8.19
N ILE A 133 3.87 -17.19 8.67
CA ILE A 133 2.52 -17.70 8.50
C ILE A 133 1.98 -17.92 9.90
N VAL A 134 0.84 -17.32 10.21
CA VAL A 134 0.20 -17.49 11.50
C VAL A 134 -1.02 -18.37 11.27
N ASN A 135 -1.05 -19.51 11.96
CA ASN A 135 -2.17 -20.44 11.84
C ASN A 135 -3.09 -20.39 13.07
N ARG A 136 -3.91 -19.33 13.18
CA ARG A 136 -4.81 -19.17 14.33
C ARG A 136 -6.27 -19.13 13.86
N ARG A 137 -7.17 -18.55 14.66
CA ARG A 137 -8.59 -18.49 14.25
C ARG A 137 -8.64 -17.74 12.94
N LEU A 138 -7.79 -16.74 12.84
CA LEU A 138 -7.44 -16.15 11.56
C LEU A 138 -6.10 -16.77 11.06
N ILE A 139 -6.12 -17.28 9.84
CA ILE A 139 -4.88 -17.67 9.16
C ILE A 139 -4.31 -16.46 8.44
N MET A 140 -3.08 -16.09 8.73
CA MET A 140 -2.51 -14.88 8.17
C MET A 140 -1.12 -15.14 7.59
N GLY A 141 -0.84 -14.51 6.45
CA GLY A 141 0.45 -14.58 5.83
C GLY A 141 1.04 -13.19 5.76
N LEU A 142 2.34 -13.12 6.06
CA LEU A 142 3.13 -11.91 6.02
C LEU A 142 4.32 -12.06 5.08
N ALA A 143 4.48 -11.14 4.12
CA ALA A 143 5.49 -11.30 3.07
C ALA A 143 5.99 -9.97 2.55
N ASP A 144 7.16 -9.98 1.93
CA ASP A 144 7.58 -8.86 1.11
C ASP A 144 7.34 -9.23 -0.36
N GLY A 145 7.11 -8.24 -1.20
CA GLY A 145 6.90 -8.50 -2.61
C GLY A 145 7.70 -7.57 -3.48
N GLU A 146 7.94 -8.08 -4.68
CA GLU A 146 8.60 -7.37 -5.76
C GLU A 146 7.82 -7.55 -7.06
N VAL A 147 7.80 -6.48 -7.85
CA VAL A 147 7.23 -6.55 -9.18
C VAL A 147 8.31 -6.09 -10.16
N LEU A 148 8.56 -6.94 -11.13
CA LEU A 148 9.50 -6.65 -12.20
C LEU A 148 8.80 -6.63 -13.55
N VAL A 149 9.29 -5.79 -14.47
CA VAL A 149 8.79 -5.82 -15.84
C VAL A 149 10.00 -6.12 -16.76
N ASP A 150 9.91 -7.24 -17.47
CA ASP A 150 10.99 -7.62 -18.39
C ASP A 150 12.35 -7.60 -17.70
N GLY A 151 12.40 -8.13 -16.47
CA GLY A 151 13.64 -8.25 -15.73
C GLY A 151 14.05 -7.05 -14.88
N ARG A 152 13.29 -5.97 -14.95
CA ARG A 152 13.65 -4.70 -14.32
C ARG A 152 12.75 -4.53 -13.12
N LEU A 153 13.33 -4.43 -11.93
CA LEU A 153 12.56 -4.18 -10.69
C LEU A 153 11.88 -2.82 -10.72
N ILE A 154 10.54 -2.80 -10.57
CA ILE A 154 9.82 -1.53 -10.62
C ILE A 154 8.94 -1.21 -9.39
N TYR A 155 8.42 -2.23 -8.69
CA TYR A 155 7.68 -1.98 -7.43
C TYR A 155 8.22 -2.84 -6.32
N THR A 156 8.16 -2.32 -5.11
CA THR A 156 8.42 -3.10 -3.90
C THR A 156 7.33 -2.84 -2.87
N ALA A 157 7.01 -3.87 -2.09
CA ALA A 157 6.02 -3.81 -1.01
C ALA A 157 6.53 -4.61 0.19
N SER A 158 6.66 -3.93 1.32
CA SER A 158 7.06 -4.54 2.59
C SER A 158 5.85 -4.88 3.41
N ASP A 159 5.85 -6.07 4.02
CA ASP A 159 4.82 -6.47 4.97
C ASP A 159 3.39 -6.49 4.39
N LEU A 160 3.26 -7.08 3.20
CA LEU A 160 1.97 -7.50 2.71
C LEU A 160 1.37 -8.43 3.73
N LYS A 161 0.08 -8.24 4.01
CA LYS A 161 -0.66 -9.07 4.96
C LYS A 161 -1.99 -9.50 4.33
N VAL A 162 -2.23 -10.81 4.30
CA VAL A 162 -3.47 -11.35 3.77
C VAL A 162 -3.91 -12.40 4.77
N GLY A 163 -5.22 -12.53 4.94
CA GLY A 163 -5.73 -13.59 5.77
C GLY A 163 -6.83 -14.41 5.14
N LEU A 164 -7.07 -15.58 5.71
CA LEU A 164 -8.19 -16.44 5.35
C LEU A 164 -9.14 -16.45 6.56
N PHE A 165 -10.38 -16.17 6.32
CA PHE A 165 -11.29 -16.11 7.42
C PHE A 165 -12.51 -16.97 7.25
N GLN A 166 -13.02 -17.41 8.36
CA GLN A 166 -14.21 -18.26 8.42
C GLN A 166 -15.44 -17.37 8.58
N LYS B 3 -12.19 29.03 -8.70
CA LYS B 3 -12.37 27.63 -9.07
C LYS B 3 -13.45 27.00 -8.20
N ARG B 4 -14.01 25.91 -8.70
CA ARG B 4 -15.01 25.18 -7.96
C ARG B 4 -14.35 24.44 -6.78
N GLU B 5 -15.17 24.00 -5.84
CA GLU B 5 -14.73 23.31 -4.64
C GLU B 5 -15.37 21.90 -4.61
N SER B 6 -16.11 21.56 -5.65
CA SER B 6 -16.84 20.28 -5.74
C SER B 6 -17.08 19.92 -7.21
N TYR B 7 -17.18 18.61 -7.50
CA TYR B 7 -17.22 18.12 -8.86
C TYR B 7 -18.21 16.97 -9.02
N THR B 8 -18.98 17.04 -10.07
CA THR B 8 -20.01 16.07 -10.37
C THR B 8 -19.40 14.88 -11.12
N LYS B 9 -20.20 13.85 -11.32
CA LYS B 9 -19.76 12.68 -12.10
C LYS B 9 -19.35 13.10 -13.49
N GLU B 10 -20.12 13.96 -14.11
CA GLU B 10 -19.75 14.41 -15.45
CA GLU B 10 -19.81 14.47 -15.42
C GLU B 10 -18.45 15.23 -15.47
N ASP B 11 -18.15 16.00 -14.41
CA ASP B 11 -16.88 16.71 -14.31
C ASP B 11 -15.69 15.69 -14.23
N LEU B 12 -15.89 14.61 -13.49
CA LEU B 12 -14.85 13.58 -13.35
C LEU B 12 -14.68 12.82 -14.68
N LEU B 13 -15.74 12.63 -15.44
CA LEU B 13 -15.60 12.02 -16.76
C LEU B 13 -14.86 12.95 -17.70
N ALA B 14 -15.15 14.25 -17.61
CA ALA B 14 -14.42 15.27 -18.35
C ALA B 14 -12.94 15.24 -18.00
N SER B 15 -12.64 15.06 -16.72
CA SER B 15 -11.24 14.97 -16.27
C SER B 15 -10.52 13.80 -16.98
N GLY B 16 -11.18 12.66 -17.09
CA GLY B 16 -10.55 11.52 -17.76
C GLY B 16 -10.27 11.76 -19.24
N ARG B 17 -11.04 12.64 -19.88
CA ARG B 17 -10.81 12.98 -21.29
C ARG B 17 -9.82 14.15 -21.40
N GLY B 18 -9.29 14.59 -20.26
CA GLY B 18 -8.38 15.73 -20.22
C GLY B 18 -9.07 17.06 -20.51
N GLU B 19 -10.36 17.17 -20.15
CA GLU B 19 -11.16 18.33 -20.55
C GLU B 19 -11.66 19.20 -19.35
N LEU B 20 -11.16 18.95 -18.15
CA LEU B 20 -11.61 19.67 -16.95
C LEU B 20 -10.63 20.76 -16.54
N PHE B 21 -9.40 20.35 -16.26
CA PHE B 21 -8.34 21.32 -15.99
C PHE B 21 -7.77 21.74 -17.35
N GLY B 22 -6.52 22.20 -17.39
CA GLY B 22 -5.91 22.55 -18.66
C GLY B 22 -5.60 21.38 -19.58
N ALA B 23 -5.15 21.70 -20.79
CA ALA B 23 -4.62 20.67 -21.69
C ALA B 23 -3.45 19.95 -21.04
N LYS B 24 -2.80 20.64 -20.13
CA LYS B 24 -1.61 20.17 -19.47
C LYS B 24 -1.80 19.64 -18.09
N GLY B 25 -3.03 19.70 -17.60
CA GLY B 25 -3.32 19.22 -16.26
C GLY B 25 -3.42 17.71 -16.31
N PRO B 26 -3.32 17.05 -15.16
CA PRO B 26 -3.45 15.59 -15.15
C PRO B 26 -4.87 15.12 -15.43
N GLN B 27 -5.01 13.88 -15.89
CA GLN B 27 -6.30 13.26 -16.12
C GLN B 27 -6.60 12.27 -15.02
N LEU B 28 -7.87 12.16 -14.61
CA LEU B 28 -8.27 10.98 -13.84
C LEU B 28 -8.32 9.77 -14.78
N PRO B 29 -8.28 8.56 -14.23
CA PRO B 29 -8.65 7.36 -15.01
C PRO B 29 -10.10 7.44 -15.45
N ALA B 30 -10.43 6.84 -16.58
CA ALA B 30 -11.80 6.69 -17.04
C ALA B 30 -12.38 5.42 -16.42
N PRO B 31 -13.72 5.30 -16.43
CA PRO B 31 -14.28 3.95 -16.16
C PRO B 31 -13.62 2.85 -17.04
N ASN B 32 -13.35 1.68 -16.51
CA ASN B 32 -13.79 1.19 -15.20
C ASN B 32 -12.80 1.35 -14.06
N MET B 33 -11.74 2.14 -14.24
CA MET B 33 -10.76 2.38 -13.16
C MET B 33 -11.08 3.63 -12.29
N LEU B 34 -11.93 4.53 -12.75
CA LEU B 34 -12.40 5.66 -11.93
C LEU B 34 -13.15 5.13 -10.70
N MET B 35 -12.71 5.47 -9.49
CA MET B 35 -13.31 4.90 -8.28
C MET B 35 -14.08 5.88 -7.39
N MET B 36 -14.51 6.98 -7.99
CA MET B 36 -15.45 7.92 -7.30
C MET B 36 -16.54 8.39 -8.24
N ASP B 37 -17.68 8.79 -7.64
CA ASP B 37 -18.80 9.33 -8.40
C ASP B 37 -18.82 10.85 -8.28
N ARG B 38 -18.16 11.38 -7.27
CA ARG B 38 -18.21 12.81 -7.03
C ARG B 38 -17.11 13.24 -6.08
N VAL B 39 -16.73 14.50 -6.18
CA VAL B 39 -15.87 15.12 -5.19
C VAL B 39 -16.76 16.13 -4.45
N VAL B 40 -16.91 15.93 -3.16
CA VAL B 40 -17.89 16.68 -2.37
C VAL B 40 -17.30 17.98 -1.86
N LYS B 41 -16.04 17.92 -1.43
CA LYS B 41 -15.37 19.10 -0.87
C LYS B 41 -13.88 19.09 -1.20
N MET B 42 -13.34 20.26 -1.49
CA MET B 42 -11.89 20.39 -1.69
C MET B 42 -11.50 21.72 -1.15
N THR B 43 -10.53 21.75 -0.23
CA THR B 43 -10.03 23.02 0.36
C THR B 43 -8.50 23.04 0.43
N GLU B 44 -7.92 24.25 0.34
CA GLU B 44 -6.48 24.45 0.45
C GLU B 44 -6.00 24.41 1.90
N THR B 45 -6.88 24.69 2.85
CA THR B 45 -6.54 24.55 4.25
C THR B 45 -7.38 23.41 4.79
N GLY B 46 -7.38 23.23 6.11
CA GLY B 46 -8.22 22.20 6.69
C GLY B 46 -7.62 20.82 6.49
N GLY B 47 -8.37 19.79 6.88
CA GLY B 47 -7.79 18.48 7.03
C GLY B 47 -7.04 18.38 8.33
N ASN B 48 -6.65 17.17 8.71
CA ASN B 48 -5.97 16.95 9.96
C ASN B 48 -4.67 17.74 10.15
N PHE B 49 -4.06 18.21 9.06
CA PHE B 49 -2.77 18.94 9.14
C PHE B 49 -2.92 20.40 8.70
N ASP B 50 -4.15 20.81 8.41
CA ASP B 50 -4.47 22.16 7.95
C ASP B 50 -3.74 22.59 6.69
N LYS B 51 -3.37 21.62 5.85
CA LYS B 51 -2.63 21.89 4.61
C LYS B 51 -3.37 21.35 3.38
N GLY B 52 -4.64 20.99 3.56
CA GLY B 52 -5.48 20.61 2.44
C GLY B 52 -6.36 19.42 2.76
N TYR B 53 -7.52 19.37 2.11
CA TYR B 53 -8.51 18.34 2.37
C TYR B 53 -9.29 18.05 1.12
N VAL B 54 -9.57 16.77 0.91
CA VAL B 54 -10.50 16.35 -0.15
C VAL B 54 -11.43 15.30 0.42
N GLU B 55 -12.70 15.43 0.07
CA GLU B 55 -13.68 14.42 0.44
C GLU B 55 -14.43 14.04 -0.82
N ALA B 56 -14.62 12.73 -1.01
CA ALA B 56 -15.24 12.24 -2.23
C ALA B 56 -16.08 11.01 -1.90
N GLU B 57 -16.94 10.60 -2.82
CA GLU B 57 -17.86 9.50 -2.57
C GLU B 57 -17.98 8.58 -3.75
N LEU B 58 -18.33 7.33 -3.44
CA LEU B 58 -18.69 6.31 -4.44
C LEU B 58 -19.98 5.61 -4.00
N ASP B 59 -21.02 5.67 -4.82
CA ASP B 59 -22.26 4.96 -4.53
C ASP B 59 -22.00 3.46 -4.73
N ILE B 60 -22.53 2.64 -3.82
CA ILE B 60 -22.36 1.18 -3.92
C ILE B 60 -23.64 0.52 -4.41
N ASN B 61 -23.48 -0.28 -5.47
CA ASN B 61 -24.57 -0.95 -6.14
C ASN B 61 -24.05 -2.35 -6.46
N PRO B 62 -24.89 -3.39 -6.32
CA PRO B 62 -24.43 -4.74 -6.69
C PRO B 62 -24.09 -4.93 -8.15
N ASP B 63 -24.49 -4.01 -9.04
CA ASP B 63 -24.13 -4.09 -10.45
C ASP B 63 -22.70 -3.60 -10.80
N LEU B 64 -21.98 -3.07 -9.83
CA LEU B 64 -20.62 -2.61 -10.10
C LEU B 64 -19.77 -3.79 -10.55
N TRP B 65 -18.96 -3.55 -11.57
CA TRP B 65 -18.24 -4.64 -12.27
C TRP B 65 -17.45 -5.56 -11.34
N PHE B 66 -16.79 -4.98 -10.35
CA PHE B 66 -15.84 -5.75 -9.51
C PHE B 66 -16.52 -6.72 -8.59
N PHE B 67 -17.79 -6.49 -8.28
CA PHE B 67 -18.49 -7.39 -7.40
C PHE B 67 -18.73 -8.78 -8.04
N GLY B 68 -18.89 -8.83 -9.35
CA GLY B 68 -19.12 -10.08 -10.07
C GLY B 68 -17.90 -11.01 -10.11
N CYS B 69 -16.70 -10.44 -10.02
CA CYS B 69 -15.48 -11.25 -10.20
C CYS B 69 -14.61 -11.37 -8.94
N HIS B 70 -14.89 -10.55 -7.93
CA HIS B 70 -14.08 -10.61 -6.73
C HIS B 70 -14.91 -10.58 -5.44
N PHE B 71 -15.35 -11.75 -4.98
CA PHE B 71 -15.15 -13.04 -5.67
C PHE B 71 -16.49 -13.63 -6.12
N ILE B 72 -16.45 -14.50 -7.11
CA ILE B 72 -17.62 -15.27 -7.49
C ILE B 72 -18.15 -15.98 -6.27
N GLY B 73 -19.43 -15.76 -5.96
CA GLY B 73 -20.01 -16.34 -4.76
C GLY B 73 -19.72 -15.58 -3.45
N ASP B 74 -18.89 -14.55 -3.47
CA ASP B 74 -18.47 -13.87 -2.23
C ASP B 74 -18.06 -12.42 -2.55
N PRO B 75 -19.03 -11.59 -2.97
CA PRO B 75 -18.66 -10.25 -3.48
C PRO B 75 -18.17 -9.29 -2.42
N VAL B 76 -17.08 -8.61 -2.72
CA VAL B 76 -16.55 -7.60 -1.80
C VAL B 76 -15.70 -6.61 -2.60
N MET B 77 -15.75 -5.33 -2.26
CA MET B 77 -14.99 -4.36 -3.02
C MET B 77 -13.50 -4.60 -2.79
N PRO B 78 -12.73 -4.77 -3.87
CA PRO B 78 -11.29 -4.92 -3.68
C PRO B 78 -10.64 -3.74 -2.92
N GLY B 79 -9.86 -4.03 -1.90
CA GLY B 79 -9.12 -3.00 -1.17
C GLY B 79 -8.23 -2.19 -2.09
N CYS B 80 -7.62 -2.83 -3.07
CA CYS B 80 -6.73 -2.12 -3.99
C CYS B 80 -7.45 -0.99 -4.74
N LEU B 81 -8.75 -1.15 -4.99
CA LEU B 81 -9.48 -0.11 -5.69
C LEU B 81 -9.84 1.09 -4.79
N GLY B 82 -10.05 0.85 -3.50
CA GLY B 82 -10.21 1.94 -2.57
C GLY B 82 -8.89 2.70 -2.40
N LEU B 83 -7.80 1.96 -2.39
CA LEU B 83 -6.51 2.59 -2.36
C LEU B 83 -6.28 3.40 -3.64
N ASP B 84 -6.66 2.88 -4.80
CA ASP B 84 -6.52 3.67 -6.00
C ASP B 84 -7.37 4.95 -5.99
N ALA B 85 -8.59 4.90 -5.44
CA ALA B 85 -9.36 6.14 -5.27
C ALA B 85 -8.56 7.17 -4.49
N MET B 86 -7.88 6.75 -3.43
CA MET B 86 -7.10 7.71 -2.65
C MET B 86 -5.96 8.32 -3.48
N TRP B 87 -5.25 7.48 -4.26
CA TRP B 87 -4.19 7.99 -5.15
C TRP B 87 -4.79 8.90 -6.22
N GLN B 88 -5.94 8.52 -6.77
CA GLN B 88 -6.61 9.35 -7.77
C GLN B 88 -6.93 10.77 -7.19
N LEU B 89 -7.39 10.79 -5.95
CA LEU B 89 -7.84 12.07 -5.33
C LEU B 89 -6.63 12.95 -5.01
N VAL B 90 -5.52 12.34 -4.57
CA VAL B 90 -4.29 13.11 -4.30
C VAL B 90 -3.83 13.73 -5.59
N GLY B 91 -3.82 12.93 -6.66
CA GLY B 91 -3.46 13.46 -7.94
C GLY B 91 -4.41 14.50 -8.47
N PHE B 92 -5.72 14.30 -8.27
CA PHE B 92 -6.72 15.26 -8.74
C PHE B 92 -6.50 16.63 -8.06
N TYR B 93 -6.19 16.57 -6.77
CA TYR B 93 -5.89 17.76 -5.96
C TYR B 93 -4.70 18.56 -6.53
N LEU B 94 -3.63 17.87 -6.92
CA LEU B 94 -2.49 18.55 -7.50
C LEU B 94 -2.84 19.28 -8.77
N GLY B 95 -3.69 18.66 -9.57
CA GLY B 95 -4.20 19.24 -10.80
C GLY B 95 -5.09 20.46 -10.45
N TRP B 96 -5.89 20.31 -9.40
CA TRP B 96 -6.85 21.35 -8.99
C TRP B 96 -6.11 22.64 -8.58
N LEU B 97 -4.98 22.47 -7.91
CA LEU B 97 -4.10 23.60 -7.58
C LEU B 97 -3.41 24.22 -8.78
N GLY B 98 -3.60 23.65 -9.97
CA GLY B 98 -2.98 24.16 -11.19
C GLY B 98 -1.72 23.40 -11.65
N GLY B 99 -1.34 22.34 -10.96
CA GLY B 99 -0.20 21.52 -11.37
C GLY B 99 -0.33 20.90 -12.77
N GLU B 100 0.78 20.89 -13.51
CA GLU B 100 0.79 20.35 -14.85
C GLU B 100 1.65 19.07 -14.92
N GLY B 101 1.19 18.09 -15.70
CA GLY B 101 1.89 16.84 -15.89
C GLY B 101 0.94 15.69 -15.81
N LYS B 102 1.47 14.50 -16.02
CA LYS B 102 0.69 13.27 -16.03
C LYS B 102 0.75 12.73 -14.60
N GLY B 103 -0.38 12.24 -14.10
CA GLY B 103 -0.42 11.71 -12.75
C GLY B 103 0.22 10.34 -12.74
N ARG B 104 0.85 10.12 -11.62
CA ARG B 104 1.40 8.83 -11.34
C ARG B 104 1.41 8.55 -9.83
N ALA B 105 0.82 7.44 -9.37
CA ALA B 105 1.06 6.99 -7.97
C ALA B 105 2.54 6.63 -7.74
N LEU B 106 3.07 6.94 -6.56
CA LEU B 106 4.48 6.73 -6.26
C LEU B 106 4.64 5.77 -5.11
N GLY B 107 3.58 5.63 -4.31
CA GLY B 107 3.65 4.74 -3.16
C GLY B 107 2.73 5.11 -2.01
N VAL B 108 2.93 4.42 -0.91
CA VAL B 108 2.16 4.64 0.31
C VAL B 108 2.98 4.05 1.44
N GLY B 109 2.78 4.56 2.66
CA GLY B 109 3.56 4.14 3.81
C GLY B 109 3.12 2.89 4.53
N GLU B 110 1.85 2.90 4.91
CA GLU B 110 1.21 1.79 5.58
C GLU B 110 -0.31 1.86 5.30
N VAL B 111 -0.91 0.71 5.02
CA VAL B 111 -2.33 0.61 4.72
C VAL B 111 -2.87 -0.46 5.64
N LYS B 112 -3.99 -0.15 6.30
CA LYS B 112 -4.71 -1.14 7.11
C LYS B 112 -6.16 -1.25 6.65
N PHE B 113 -6.61 -2.47 6.36
CA PHE B 113 -8.00 -2.74 6.01
C PHE B 113 -8.64 -3.43 7.20
N THR B 114 -9.57 -2.78 7.89
CA THR B 114 -10.17 -3.39 9.08
C THR B 114 -11.66 -3.74 8.92
N GLY B 115 -12.27 -3.33 7.80
CA GLY B 115 -13.63 -3.73 7.48
C GLY B 115 -13.80 -3.82 5.98
N GLN B 116 -14.96 -4.24 5.53
CA GLN B 116 -15.18 -4.46 4.11
C GLN B 116 -16.36 -3.68 3.57
N VAL B 117 -16.39 -3.56 2.25
CA VAL B 117 -17.52 -2.99 1.53
C VAL B 117 -18.25 -4.10 0.80
N LEU B 118 -19.47 -4.39 1.27
CA LEU B 118 -20.35 -5.35 0.61
C LEU B 118 -21.28 -4.64 -0.34
N PRO B 119 -21.85 -5.39 -1.31
CA PRO B 119 -22.76 -4.79 -2.28
C PRO B 119 -24.03 -4.23 -1.64
N THR B 120 -24.32 -4.65 -0.42
CA THR B 120 -25.48 -4.14 0.34
C THR B 120 -25.24 -2.76 0.99
N ALA B 121 -23.99 -2.30 1.00
CA ALA B 121 -23.64 -0.99 1.52
C ALA B 121 -24.25 0.10 0.65
N LYS B 122 -24.34 1.32 1.16
CA LYS B 122 -24.92 2.40 0.36
C LYS B 122 -23.87 3.29 -0.30
N LYS B 123 -22.88 3.69 0.47
CA LYS B 123 -21.97 4.72 0.02
C LYS B 123 -20.61 4.59 0.68
N VAL B 124 -19.54 4.73 -0.12
CA VAL B 124 -18.20 4.83 0.41
C VAL B 124 -17.75 6.27 0.33
N THR B 125 -17.15 6.74 1.42
CA THR B 125 -16.58 8.09 1.51
C THR B 125 -15.06 7.99 1.65
N TYR B 126 -14.39 8.81 0.87
CA TYR B 126 -12.94 8.94 0.93
C TYR B 126 -12.59 10.32 1.55
N ARG B 127 -11.69 10.32 2.51
CA ARG B 127 -11.20 11.57 3.12
C ARG B 127 -9.68 11.61 2.96
N ILE B 128 -9.18 12.66 2.31
CA ILE B 128 -7.73 12.84 2.09
C ILE B 128 -7.23 14.07 2.88
N HIS B 129 -6.20 13.87 3.67
CA HIS B 129 -5.64 14.95 4.50
C HIS B 129 -4.21 15.25 4.05
N PHE B 130 -4.02 16.34 3.33
CA PHE B 130 -2.69 16.67 2.84
C PHE B 130 -1.71 17.07 3.92
N LYS B 131 -0.50 16.57 3.74
CA LYS B 131 0.64 16.81 4.62
C LYS B 131 1.66 17.77 3.99
N ARG B 132 1.87 17.62 2.69
CA ARG B 132 2.91 18.37 2.02
C ARG B 132 2.79 18.32 0.52
N ILE B 133 3.04 19.45 -0.13
CA ILE B 133 3.17 19.50 -1.58
C ILE B 133 4.58 19.99 -1.91
N VAL B 134 5.28 19.25 -2.77
CA VAL B 134 6.61 19.65 -3.23
C VAL B 134 6.49 20.05 -4.68
N ASN B 135 6.78 21.31 -4.99
CA ASN B 135 6.78 21.78 -6.37
C ASN B 135 8.19 21.81 -6.97
N ARG B 136 8.61 20.71 -7.59
CA ARG B 136 9.87 20.68 -8.34
C ARG B 136 9.59 20.09 -9.73
N ARG B 137 10.61 19.58 -10.42
CA ARG B 137 10.39 19.06 -11.77
C ARG B 137 9.32 17.97 -11.75
N LEU B 138 9.31 17.21 -10.66
CA LEU B 138 8.21 16.37 -10.27
C LEU B 138 7.42 17.20 -9.25
N ILE B 139 6.11 17.30 -9.43
CA ILE B 139 5.25 17.88 -8.40
C ILE B 139 4.73 16.71 -7.58
N MET B 140 4.99 16.72 -6.29
CA MET B 140 4.63 15.60 -5.44
C MET B 140 3.73 16.01 -4.31
N GLY B 141 2.69 15.22 -4.09
CA GLY B 141 1.79 15.39 -2.96
C GLY B 141 1.90 14.22 -2.00
N LEU B 142 1.89 14.54 -0.72
CA LEU B 142 1.95 13.58 0.37
C LEU B 142 0.74 13.77 1.28
N ALA B 143 0.05 12.67 1.64
CA ALA B 143 -1.24 12.74 2.35
C ALA B 143 -1.56 11.48 3.11
N ASP B 144 -2.42 11.61 4.11
CA ASP B 144 -3.05 10.46 4.75
C ASP B 144 -4.48 10.33 4.22
N GLY B 145 -5.00 9.10 4.17
CA GLY B 145 -6.32 8.84 3.63
C GLY B 145 -7.10 7.97 4.57
N GLU B 146 -8.42 8.11 4.49
CA GLU B 146 -9.34 7.29 5.22
C GLU B 146 -10.44 6.84 4.26
N VAL B 147 -10.90 5.62 4.43
CA VAL B 147 -12.07 5.13 3.69
C VAL B 147 -13.12 4.72 4.68
N LEU B 148 -14.31 5.25 4.48
CA LEU B 148 -15.47 4.92 5.31
C LEU B 148 -16.61 4.35 4.47
N VAL B 149 -17.36 3.41 5.06
CA VAL B 149 -18.56 2.91 4.43
C VAL B 149 -19.76 3.16 5.36
N ASP B 150 -20.73 3.87 4.83
CA ASP B 150 -21.93 4.24 5.58
C ASP B 150 -21.58 4.76 6.97
N GLY B 151 -20.58 5.63 7.02
CA GLY B 151 -20.20 6.30 8.24
C GLY B 151 -19.17 5.60 9.09
N ARG B 152 -18.80 4.34 8.77
CA ARG B 152 -17.80 3.65 9.59
C ARG B 152 -16.46 3.53 8.91
N LEU B 153 -15.42 3.88 9.66
CA LEU B 153 -14.05 3.90 9.17
C LEU B 153 -13.62 2.47 8.93
N ILE B 154 -13.17 2.16 7.72
CA ILE B 154 -12.72 0.79 7.45
C ILE B 154 -11.30 0.69 6.93
N TYR B 155 -10.82 1.68 6.17
CA TYR B 155 -9.42 1.67 5.74
C TYR B 155 -8.68 2.94 6.18
N THR B 156 -7.41 2.80 6.50
CA THR B 156 -6.52 3.96 6.62
C THR B 156 -5.26 3.74 5.83
N ALA B 157 -4.74 4.82 5.28
CA ALA B 157 -3.46 4.81 4.57
C ALA B 157 -2.61 6.00 5.01
N SER B 158 -1.37 5.76 5.40
CA SER B 158 -0.49 6.89 5.74
C SER B 158 0.54 7.11 4.67
N ASP B 159 0.82 8.37 4.40
CA ASP B 159 1.86 8.76 3.44
C ASP B 159 1.64 8.23 1.98
N LEU B 160 0.40 8.39 1.52
CA LEU B 160 0.06 8.35 0.10
C LEU B 160 0.96 9.34 -0.61
N LYS B 161 1.61 8.89 -1.69
CA LYS B 161 2.43 9.75 -2.51
C LYS B 161 2.02 9.64 -3.94
N VAL B 162 1.79 10.79 -4.54
CA VAL B 162 1.43 10.87 -5.95
C VAL B 162 2.19 12.02 -6.58
N GLY B 163 2.56 11.88 -7.84
CA GLY B 163 3.27 12.93 -8.52
C GLY B 163 2.69 13.28 -9.86
N LEU B 164 2.95 14.51 -10.29
CA LEU B 164 2.70 14.91 -11.65
C LEU B 164 4.02 15.08 -12.37
N PHE B 165 4.20 14.38 -13.48
CA PHE B 165 5.47 14.42 -14.21
C PHE B 165 5.28 14.82 -15.67
N GLN B 166 6.35 15.38 -16.26
CA GLN B 166 6.38 15.76 -17.68
C GLN B 166 7.23 14.78 -18.48
N ASP B 167 6.85 14.55 -19.75
CA ASP B 167 7.61 13.71 -20.67
C ASP B 167 7.70 12.27 -20.17
N SER C 1 29.90 11.52 13.46
CA SER C 1 30.60 11.71 12.15
C SER C 1 30.50 13.16 11.67
N THR C 2 31.14 13.47 10.55
CA THR C 2 31.09 14.82 10.01
C THR C 2 29.84 14.99 9.10
N ILE C 3 29.44 16.25 8.92
CA ILE C 3 28.34 16.58 8.02
C ILE C 3 28.62 15.96 6.67
N GLU C 4 29.87 16.06 6.20
CA GLU C 4 30.20 15.50 4.91
C GLU C 4 29.88 14.00 4.76
N GLU C 5 30.12 13.20 5.80
CA GLU C 5 29.94 11.74 5.69
C GLU C 5 28.48 11.32 5.87
N ARG C 6 27.72 12.07 6.66
CA ARG C 6 26.30 11.78 6.83
C ARG C 6 25.51 12.12 5.57
N VAL C 7 25.91 13.18 4.90
CA VAL C 7 25.27 13.57 3.67
C VAL C 7 25.54 12.50 2.63
N LYS C 8 26.79 12.02 2.59
CA LYS C 8 27.20 11.02 1.61
C LYS C 8 26.50 9.69 1.85
N LYS C 9 26.26 9.34 3.08
CA LYS C 9 25.61 8.13 3.32
C LYS C 9 24.22 8.21 2.79
N ILE C 10 23.46 9.26 3.14
CA ILE C 10 22.09 9.42 2.68
C ILE C 10 21.97 9.40 1.17
N ILE C 11 22.88 10.11 0.50
CA ILE C 11 22.93 10.12 -0.95
C ILE C 11 23.15 8.69 -1.48
N GLY C 12 24.06 7.96 -0.85
CA GLY C 12 24.38 6.60 -1.26
C GLY C 12 23.19 5.67 -1.24
N GLU C 13 22.53 5.57 -0.09
CA GLU C 13 21.41 4.65 0.04
C GLU C 13 20.22 5.12 -0.77
N GLN C 14 19.97 6.42 -0.78
CA GLN C 14 18.86 6.97 -1.54
C GLN C 14 18.99 6.63 -3.03
N LEU C 15 20.20 6.69 -3.56
CA LEU C 15 20.40 6.53 -4.99
C LEU C 15 20.92 5.14 -5.38
N GLY C 16 21.16 4.29 -4.37
CA GLY C 16 21.59 2.93 -4.61
C GLY C 16 23.02 2.79 -5.08
N VAL C 17 23.93 3.45 -4.39
CA VAL C 17 25.36 3.37 -4.69
C VAL C 17 26.11 3.34 -3.36
N LYS C 18 27.34 2.82 -3.35
CA LYS C 18 28.16 2.91 -2.15
C LYS C 18 29.18 4.01 -2.33
N GLN C 19 29.79 4.40 -1.22
CA GLN C 19 30.45 5.69 -1.09
C GLN C 19 31.44 6.00 -2.21
N GLU C 20 32.25 5.03 -2.61
CA GLU C 20 33.30 5.28 -3.61
C GLU C 20 32.74 5.98 -4.85
N GLU C 21 31.43 5.84 -5.05
CA GLU C 21 30.68 6.47 -6.13
C GLU C 21 30.35 7.93 -5.81
N VAL C 22 30.03 8.17 -4.54
CA VAL C 22 29.59 9.47 -4.08
C VAL C 22 30.80 10.40 -3.89
N THR C 23 31.27 10.97 -5.00
CA THR C 23 32.38 11.92 -4.95
C THR C 23 31.81 13.33 -4.89
N ASN C 24 32.54 14.22 -4.23
CA ASN C 24 32.06 15.57 -3.99
C ASN C 24 31.56 16.26 -5.25
N ASN C 25 32.25 16.02 -6.36
CA ASN C 25 31.86 16.62 -7.62
C ASN C 25 30.70 15.87 -8.32
N ALA C 26 30.33 14.72 -7.79
CA ALA C 26 29.28 13.89 -8.42
C ALA C 26 27.91 14.59 -8.50
N SER C 27 27.38 14.63 -9.71
CA SER C 27 26.05 15.18 -9.98
C SER C 27 24.97 14.09 -9.84
N PHE C 28 23.90 14.37 -9.10
CA PHE C 28 22.90 13.32 -8.84
C PHE C 28 22.35 12.73 -10.14
N VAL C 29 21.95 13.58 -11.06
CA VAL C 29 21.28 13.09 -12.27
C VAL C 29 22.29 12.68 -13.35
N GLU C 30 23.31 13.49 -13.61
CA GLU C 30 24.28 13.19 -14.68
C GLU C 30 25.22 12.05 -14.35
N ASP C 31 25.70 11.98 -13.11
CA ASP C 31 26.68 10.99 -12.72
C ASP C 31 26.10 9.82 -11.95
N LEU C 32 25.10 10.07 -11.11
CA LEU C 32 24.66 9.03 -10.18
C LEU C 32 23.33 8.38 -10.59
N GLY C 33 22.74 8.84 -11.70
CA GLY C 33 21.57 8.17 -12.29
C GLY C 33 20.21 8.52 -11.72
N ALA C 34 20.12 9.59 -10.94
CA ALA C 34 18.85 9.95 -10.31
C ALA C 34 17.77 10.43 -11.30
N ASP C 35 16.52 10.05 -11.07
CA ASP C 35 15.38 10.67 -11.80
C ASP C 35 14.72 11.72 -10.93
N SER C 36 13.62 12.31 -11.42
CA SER C 36 12.93 13.38 -10.71
C SER C 36 12.38 12.92 -9.36
N LEU C 37 12.03 11.63 -9.23
CA LEU C 37 11.59 11.12 -7.94
C LEU C 37 12.76 11.03 -6.96
N ASP C 38 13.89 10.51 -7.43
CA ASP C 38 15.06 10.30 -6.56
C ASP C 38 15.54 11.62 -5.95
N THR C 39 15.54 12.67 -6.75
CA THR C 39 16.04 13.94 -6.23
C THR C 39 15.09 14.54 -5.21
N VAL C 40 13.78 14.38 -5.43
CA VAL C 40 12.82 14.89 -4.48
C VAL C 40 13.03 14.13 -3.17
N GLU C 41 13.12 12.81 -3.25
CA GLU C 41 13.26 11.96 -2.06
C GLU C 41 14.56 12.22 -1.35
N LEU C 42 15.62 12.47 -2.11
CA LEU C 42 16.94 12.69 -1.51
C LEU C 42 16.93 13.95 -0.64
N VAL C 43 16.46 15.06 -1.19
CA VAL C 43 16.41 16.29 -0.41
C VAL C 43 15.49 16.15 0.80
N MET C 44 14.33 15.49 0.64
CA MET C 44 13.50 15.22 1.81
C MET C 44 14.22 14.39 2.87
N ALA C 45 15.01 13.42 2.44
CA ALA C 45 15.77 12.59 3.38
C ALA C 45 16.81 13.45 4.09
N LEU C 46 17.36 14.44 3.39
CA LEU C 46 18.31 15.36 4.01
C LEU C 46 17.60 16.21 5.07
N GLU C 47 16.42 16.73 4.75
CA GLU C 47 15.64 17.52 5.71
C GLU C 47 15.48 16.75 7.01
N GLU C 48 15.21 15.45 6.88
CA GLU C 48 14.92 14.59 8.00
C GLU C 48 16.18 14.22 8.80
N GLU C 49 17.27 13.94 8.12
CA GLU C 49 18.50 13.55 8.81
C GLU C 49 19.12 14.70 9.58
N PHE C 50 18.98 15.93 9.07
CA PHE C 50 19.64 17.09 9.66
C PHE C 50 18.65 18.03 10.30
N ASP C 51 17.41 17.55 10.42
CA ASP C 51 16.31 18.30 11.04
C ASP C 51 16.32 19.76 10.63
N THR C 52 16.03 20.00 9.36
CA THR C 52 16.00 21.34 8.82
C THR C 52 14.99 21.31 7.68
N GLU C 53 14.37 22.44 7.39
CA GLU C 53 13.42 22.52 6.28
C GLU C 53 14.10 23.27 5.18
N ILE C 54 13.93 22.77 3.97
CA ILE C 54 14.53 23.35 2.78
C ILE C 54 13.39 23.70 1.84
N PRO C 55 13.26 24.99 1.50
CA PRO C 55 12.20 25.35 0.55
C PRO C 55 12.46 24.80 -0.85
N ASP C 56 11.39 24.59 -1.61
CA ASP C 56 11.52 24.02 -2.96
C ASP C 56 12.50 24.81 -3.83
N GLU C 57 12.44 26.14 -3.76
CA GLU C 57 13.32 26.96 -4.59
C GLU C 57 14.80 26.73 -4.25
N GLU C 58 15.05 26.44 -2.99
CA GLU C 58 16.36 26.05 -2.53
C GLU C 58 16.77 24.63 -2.89
N ALA C 59 15.84 23.73 -2.69
CA ALA C 59 16.03 22.32 -2.98
C ALA C 59 16.41 22.15 -4.43
N GLU C 60 15.84 22.98 -5.30
CA GLU C 60 16.04 22.86 -6.75
C GLU C 60 17.50 23.05 -7.14
N LYS C 61 18.25 23.74 -6.30
CA LYS C 61 19.66 23.99 -6.59
C LYS C 61 20.63 22.95 -6.03
N ILE C 62 20.11 22.01 -5.26
CA ILE C 62 20.93 20.96 -4.69
C ILE C 62 21.01 19.81 -5.69
N THR C 63 22.01 19.87 -6.57
CA THR C 63 22.11 18.94 -7.69
C THR C 63 23.40 18.13 -7.72
N THR C 64 24.31 18.44 -6.78
CA THR C 64 25.56 17.71 -6.63
C THR C 64 25.82 17.36 -5.17
N VAL C 65 26.73 16.40 -4.96
CA VAL C 65 27.08 16.01 -3.61
C VAL C 65 27.60 17.26 -2.88
N GLN C 66 28.51 18.01 -3.51
CA GLN C 66 29.09 19.21 -2.85
C GLN C 66 28.02 20.26 -2.47
N ALA C 67 27.01 20.43 -3.33
CA ALA C 67 25.98 21.42 -3.09
C ALA C 67 25.12 21.04 -1.89
N ALA C 68 24.88 19.76 -1.70
CA ALA C 68 24.17 19.31 -0.52
C ALA C 68 25.01 19.55 0.73
N ILE C 69 26.28 19.21 0.66
CA ILE C 69 27.20 19.42 1.80
C ILE C 69 27.24 20.89 2.19
N ASP C 70 27.40 21.75 1.19
CA ASP C 70 27.53 23.18 1.40
C ASP C 70 26.23 23.74 1.98
N TYR C 71 25.11 23.25 1.47
CA TYR C 71 23.82 23.66 1.94
C TYR C 71 23.68 23.31 3.42
N ILE C 72 23.97 22.07 3.79
CA ILE C 72 23.78 21.67 5.19
C ILE C 72 24.78 22.41 6.10
N ASN C 73 26.04 22.50 5.68
CA ASN C 73 27.00 23.23 6.47
C ASN C 73 26.63 24.70 6.60
N GLY C 74 25.94 25.26 5.61
CA GLY C 74 25.52 26.65 5.69
C GLY C 74 24.21 26.93 6.42
N HIS C 75 23.49 25.89 6.88
CA HIS C 75 22.14 26.07 7.50
C HIS C 75 21.76 25.09 8.64
N GLN C 76 22.45 25.00 9.76
CA GLN C 76 23.41 25.92 10.22
C GLN C 76 24.52 25.04 10.76
N ALA C 77 25.16 24.33 9.83
CA ALA C 77 26.20 23.39 10.16
C ALA C 77 26.02 22.72 11.46
N SER D 1 7.43 -3.93 38.46
CA SER D 1 6.66 -4.66 37.41
C SER D 1 6.37 -3.75 36.23
N THR D 2 7.41 -3.40 35.48
CA THR D 2 7.24 -2.71 34.22
C THR D 2 6.39 -3.57 33.28
N ILE D 3 6.50 -4.90 33.45
CA ILE D 3 5.77 -5.87 32.62
C ILE D 3 4.27 -5.61 32.55
N GLU D 4 3.59 -5.66 33.69
CA GLU D 4 2.13 -5.51 33.73
C GLU D 4 1.64 -4.22 33.06
N GLU D 5 2.31 -3.11 33.34
CA GLU D 5 1.91 -1.82 32.77
C GLU D 5 2.26 -1.71 31.28
N ARG D 6 3.43 -2.19 30.89
CA ARG D 6 3.83 -2.19 29.49
C ARG D 6 2.89 -3.04 28.64
N VAL D 7 2.44 -4.17 29.18
CA VAL D 7 1.51 -5.03 28.48
C VAL D 7 0.15 -4.33 28.32
N LYS D 8 -0.31 -3.67 29.37
CA LYS D 8 -1.57 -2.91 29.30
C LYS D 8 -1.48 -1.78 28.26
N LYS D 9 -0.33 -1.12 28.19
CA LYS D 9 -0.07 -0.11 27.17
C LYS D 9 -0.26 -0.68 25.76
N ILE D 10 0.43 -1.80 25.47
CA ILE D 10 0.35 -2.45 24.15
C ILE D 10 -1.08 -2.88 23.81
N ILE D 11 -1.77 -3.51 24.75
CA ILE D 11 -3.16 -3.94 24.52
C ILE D 11 -4.07 -2.76 24.20
N GLY D 12 -3.87 -1.65 24.93
CA GLY D 12 -4.67 -0.46 24.72
C GLY D 12 -4.47 0.12 23.33
N GLU D 13 -3.21 0.20 22.90
CA GLU D 13 -2.89 0.70 21.56
C GLU D 13 -3.44 -0.20 20.45
N GLN D 14 -3.16 -1.49 20.56
CA GLN D 14 -3.51 -2.46 19.52
C GLN D 14 -5.01 -2.58 19.32
N LEU D 15 -5.74 -2.65 20.42
CA LEU D 15 -7.19 -2.79 20.39
C LEU D 15 -7.89 -1.43 20.33
N GLY D 16 -7.11 -0.36 20.36
CA GLY D 16 -7.64 0.99 20.24
C GLY D 16 -8.73 1.28 21.26
N VAL D 17 -8.45 0.90 22.50
CA VAL D 17 -9.35 1.18 23.61
C VAL D 17 -8.64 2.03 24.66
N LYS D 18 -9.42 2.63 25.53
CA LYS D 18 -8.91 3.54 26.55
C LYS D 18 -8.11 2.84 27.64
N GLN D 19 -7.22 3.59 28.28
CA GLN D 19 -6.45 3.11 29.43
C GLN D 19 -7.37 2.54 30.50
N GLU D 20 -8.51 3.20 30.70
CA GLU D 20 -9.49 2.82 31.70
C GLU D 20 -10.02 1.41 31.48
N GLU D 21 -10.16 1.02 30.22
CA GLU D 21 -10.83 -0.25 29.87
C GLU D 21 -9.91 -1.47 30.03
N VAL D 22 -8.60 -1.24 30.09
CA VAL D 22 -7.65 -2.34 30.16
C VAL D 22 -7.50 -2.85 31.59
N THR D 23 -8.58 -3.43 32.12
CA THR D 23 -8.55 -4.07 33.44
C THR D 23 -7.88 -5.44 33.29
N ASN D 24 -7.42 -6.00 34.40
CA ASN D 24 -6.64 -7.23 34.36
C ASN D 24 -7.40 -8.47 33.86
N ASN D 25 -8.68 -8.57 34.19
CA ASN D 25 -9.48 -9.73 33.78
C ASN D 25 -10.46 -9.40 32.66
N ALA D 26 -10.05 -8.50 31.77
CA ALA D 26 -10.85 -8.15 30.60
C ALA D 26 -10.53 -9.04 29.40
N SER D 27 -11.58 -9.50 28.72
CA SER D 27 -11.45 -10.37 27.56
C SER D 27 -11.30 -9.56 26.28
N PHE D 28 -10.27 -9.86 25.49
CA PHE D 28 -10.00 -9.13 24.25
C PHE D 28 -11.23 -9.12 23.35
N VAL D 29 -11.87 -10.28 23.17
CA VAL D 29 -13.01 -10.41 22.25
C VAL D 29 -14.33 -9.94 22.87
N GLU D 30 -14.69 -10.50 24.03
CA GLU D 30 -15.96 -10.19 24.67
C GLU D 30 -16.04 -8.74 25.19
N ASP D 31 -15.08 -8.34 26.01
CA ASP D 31 -15.12 -7.05 26.69
C ASP D 31 -14.58 -5.90 25.82
N LEU D 32 -13.36 -6.06 25.30
CA LEU D 32 -12.81 -5.12 24.35
C LEU D 32 -13.39 -5.46 22.96
N GLY D 33 -13.13 -4.63 21.96
CA GLY D 33 -13.75 -4.82 20.66
C GLY D 33 -12.89 -5.59 19.66
N ALA D 34 -12.22 -6.65 20.12
CA ALA D 34 -11.20 -7.31 19.31
C ALA D 34 -11.77 -8.40 18.39
N ASP D 35 -11.43 -8.32 17.12
CA ASP D 35 -11.72 -9.39 16.16
C ASP D 35 -10.50 -10.33 15.98
N SER D 36 -10.60 -11.25 15.04
CA SER D 36 -9.52 -12.20 14.78
C SER D 36 -8.23 -11.49 14.36
N LEU D 37 -8.37 -10.36 13.67
CA LEU D 37 -7.21 -9.61 13.20
C LEU D 37 -6.52 -8.85 14.35
N ASP D 38 -7.29 -8.09 15.12
CA ASP D 38 -6.73 -7.36 16.26
C ASP D 38 -6.00 -8.32 17.19
N THR D 39 -6.50 -9.56 17.30
CA THR D 39 -5.89 -10.57 18.17
C THR D 39 -4.52 -11.05 17.66
N VAL D 40 -4.44 -11.37 16.37
CA VAL D 40 -3.15 -11.76 15.79
C VAL D 40 -2.15 -10.62 15.97
N GLU D 41 -2.56 -9.41 15.63
CA GLU D 41 -1.67 -8.26 15.67
C GLU D 41 -1.28 -7.95 17.11
N LEU D 42 -2.22 -8.13 18.02
CA LEU D 42 -1.95 -7.98 19.43
C LEU D 42 -0.76 -8.84 19.87
N VAL D 43 -0.85 -10.14 19.65
CA VAL D 43 0.20 -11.06 20.07
C VAL D 43 1.52 -10.73 19.37
N MET D 44 1.45 -10.39 18.09
CA MET D 44 2.64 -10.03 17.35
C MET D 44 3.26 -8.73 17.85
N ALA D 45 2.43 -7.85 18.42
CA ALA D 45 2.92 -6.62 19.03
C ALA D 45 3.64 -6.92 20.35
N LEU D 46 3.16 -7.93 21.08
CA LEU D 46 3.81 -8.36 22.31
C LEU D 46 5.16 -9.02 21.99
N GLU D 47 5.21 -9.79 20.91
CA GLU D 47 6.45 -10.43 20.47
C GLU D 47 7.51 -9.40 20.11
N GLU D 48 7.10 -8.33 19.42
CA GLU D 48 8.02 -7.33 18.89
C GLU D 48 8.58 -6.42 19.99
N GLU D 49 7.72 -6.07 20.96
CA GLU D 49 8.07 -5.11 22.02
C GLU D 49 9.01 -5.71 23.07
N PHE D 50 8.80 -7.00 23.38
CA PHE D 50 9.51 -7.66 24.47
C PHE D 50 10.55 -8.68 24.00
N ASP D 51 10.65 -8.90 22.68
CA ASP D 51 11.62 -9.81 22.08
C ASP D 51 11.44 -11.28 22.51
N THR D 52 10.35 -11.89 22.05
CA THR D 52 10.02 -13.27 22.40
C THR D 52 9.08 -13.91 21.37
N GLU D 53 9.53 -14.99 20.74
CA GLU D 53 8.70 -15.72 19.77
C GLU D 53 7.91 -16.81 20.48
N ILE D 54 6.60 -16.85 20.24
CA ILE D 54 5.74 -17.87 20.83
C ILE D 54 4.75 -18.42 19.81
N PRO D 55 4.84 -19.73 19.49
CA PRO D 55 3.98 -20.31 18.46
C PRO D 55 2.49 -20.00 18.59
N ASP D 56 1.79 -20.19 17.48
CA ASP D 56 0.41 -19.75 17.31
C ASP D 56 -0.57 -20.28 18.34
N GLU D 57 -0.25 -21.44 18.93
CA GLU D 57 -1.19 -22.09 19.84
C GLU D 57 -0.73 -22.06 21.28
N GLU D 58 0.40 -21.39 21.51
CA GLU D 58 0.71 -20.84 22.82
C GLU D 58 -0.25 -19.66 22.95
N ALA D 59 -0.38 -18.92 21.86
CA ALA D 59 -1.46 -17.94 21.69
C ALA D 59 -2.74 -18.72 21.38
N GLU D 60 -3.82 -18.00 21.04
CA GLU D 60 -5.18 -18.58 21.02
C GLU D 60 -5.59 -19.09 22.41
N LYS D 61 -4.71 -18.93 23.40
CA LYS D 61 -5.02 -19.23 24.79
C LYS D 61 -4.86 -17.93 25.61
N ILE D 62 -4.09 -16.98 25.07
CA ILE D 62 -4.00 -15.64 25.65
C ILE D 62 -5.25 -14.86 25.22
N THR D 63 -6.28 -14.91 26.06
CA THR D 63 -7.60 -14.41 25.72
C THR D 63 -7.93 -13.12 26.47
N THR D 64 -7.24 -12.92 27.59
CA THR D 64 -7.52 -11.81 28.48
C THR D 64 -6.24 -11.03 28.79
N VAL D 65 -6.38 -9.93 29.53
CA VAL D 65 -5.23 -9.13 29.94
C VAL D 65 -4.37 -9.89 30.96
N GLN D 66 -5.01 -10.58 31.90
CA GLN D 66 -4.29 -11.38 32.89
C GLN D 66 -3.41 -12.43 32.20
N ALA D 67 -3.96 -13.11 31.19
CA ALA D 67 -3.24 -14.16 30.46
C ALA D 67 -1.97 -13.63 29.79
N ALA D 68 -2.10 -12.49 29.11
CA ALA D 68 -0.96 -11.87 28.43
C ALA D 68 0.12 -11.49 29.42
N ILE D 69 -0.28 -10.79 30.48
CA ILE D 69 0.62 -10.43 31.58
C ILE D 69 1.30 -11.68 32.13
N ASP D 70 0.50 -12.64 32.58
CA ASP D 70 0.99 -13.87 33.21
C ASP D 70 1.99 -14.60 32.33
N TYR D 71 1.64 -14.74 31.05
CA TYR D 71 2.47 -15.48 30.10
C TYR D 71 3.84 -14.84 29.93
N ILE D 72 3.88 -13.54 29.65
CA ILE D 72 5.13 -12.87 29.38
C ILE D 72 6.04 -12.78 30.61
N ASN D 73 5.44 -12.78 31.80
CA ASN D 73 6.21 -12.79 33.04
C ASN D 73 7.17 -13.99 33.07
N GLY D 74 6.61 -15.18 32.90
CA GLY D 74 7.39 -16.41 32.89
C GLY D 74 8.47 -16.44 31.83
N HIS D 75 8.21 -15.82 30.69
CA HIS D 75 9.16 -15.83 29.57
C HIS D 75 10.18 -14.71 29.65
N GLN D 76 9.99 -13.81 30.61
CA GLN D 76 10.92 -12.72 30.87
C GLN D 76 11.84 -13.05 32.03
N ALA D 77 11.45 -14.05 32.83
CA ALA D 77 12.24 -14.47 33.98
C ALA D 77 12.08 -15.98 34.22
#